data_3HVA
#
_entry.id   3HVA
#
_cell.length_a   33.179
_cell.length_b   94.111
_cell.length_c   45.504
_cell.angle_alpha   90.00
_cell.angle_beta   90.61
_cell.angle_gamma   90.00
#
_symmetry.space_group_name_H-M   'P 1 21 1'
#
loop_
_entity.id
_entity.type
_entity.pdbx_description
1 polymer 'Protein FimX'
2 water water
#
_entity_poly.entity_id   1
_entity_poly.type   'polypeptide(L)'
_entity_poly.pdbx_seq_one_letter_code
;GAMGSEEKLREVSSQDPVTGLYNRSHFLDLMDAAVQQAVTARKPSTLAYIHLNGYPSLQADHGLSGIDLLLGQLAGLMRE
QFGEEADLARFGDSIFAALFKGKTPEQAQAALQRLLKKVENHLFELNGRSAQATLSIGVAGLDEKTAKAQDVMNRAHRCA
DDAARKGGSQIKQYNPA
;
_entity_poly.pdbx_strand_id   A,B
#
# COMPACT_ATOMS: atom_id res chain seq x y z
N VAL A 12 14.03 -3.18 -18.53
CA VAL A 12 12.87 -2.32 -18.35
C VAL A 12 13.28 -0.99 -17.70
N SER A 13 12.66 0.09 -18.16
CA SER A 13 13.00 1.42 -17.67
C SER A 13 12.72 1.58 -16.18
N SER A 14 13.65 2.24 -15.48
CA SER A 14 13.55 2.42 -14.05
C SER A 14 12.98 3.79 -13.68
N GLN A 15 12.54 4.54 -14.69
CA GLN A 15 12.10 5.91 -14.46
C GLN A 15 10.63 6.18 -14.78
N ASP A 16 10.01 6.97 -13.91
CA ASP A 16 8.65 7.46 -14.08
C ASP A 16 8.66 8.59 -15.12
N PRO A 17 8.06 8.36 -16.29
CA PRO A 17 8.15 9.31 -17.40
C PRO A 17 7.31 10.55 -17.16
N VAL A 18 6.47 10.51 -16.13
CA VAL A 18 5.63 11.65 -15.76
C VAL A 18 6.41 12.63 -14.91
N THR A 19 7.05 12.11 -13.87
CA THR A 19 7.73 12.94 -12.88
C THR A 19 9.22 13.05 -13.15
N GLY A 20 9.78 12.01 -13.78
CA GLY A 20 11.21 11.98 -14.06
C GLY A 20 11.99 11.24 -13.01
N LEU A 21 11.36 11.00 -11.87
CA LEU A 21 12.00 10.27 -10.77
C LEU A 21 12.03 8.78 -11.05
N TYR A 22 12.86 8.06 -10.30
CA TYR A 22 12.89 6.61 -10.39
C TYR A 22 11.56 6.02 -9.95
N ASN A 23 11.31 4.77 -10.33
CA ASN A 23 10.06 4.10 -9.97
C ASN A 23 10.14 3.41 -8.62
N ARG A 24 9.00 2.91 -8.15
CA ARG A 24 8.95 2.23 -6.85
C ARG A 24 9.87 1.01 -6.82
N SER A 25 9.82 0.19 -7.86
CA SER A 25 10.67 -0.99 -7.94
C SER A 25 12.13 -0.64 -7.72
N HIS A 26 12.59 0.42 -8.39
CA HIS A 26 13.96 0.88 -8.27
C HIS A 26 14.26 1.31 -6.83
N PHE A 27 13.37 2.12 -6.27
CA PHE A 27 13.52 2.62 -4.91
C PHE A 27 13.61 1.49 -3.89
N LEU A 28 12.78 0.47 -4.06
CA LEU A 28 12.73 -0.65 -3.13
C LEU A 28 14.03 -1.43 -3.08
N ASP A 29 14.77 -1.42 -4.19
CA ASP A 29 16.10 -2.04 -4.21
C ASP A 29 17.07 -1.18 -3.40
N LEU A 30 17.03 0.13 -3.64
CA LEU A 30 17.81 1.07 -2.85
C LEU A 30 17.46 0.93 -1.37
N MET A 31 16.19 0.69 -1.07
CA MET A 31 15.75 0.46 0.30
C MET A 31 16.41 -0.78 0.89
N ASP A 32 16.30 -1.91 0.21
CA ASP A 32 16.90 -3.15 0.67
C ASP A 32 18.38 -2.97 0.99
N ALA A 33 19.08 -2.22 0.15
CA ALA A 33 20.52 -2.02 0.33
C ALA A 33 20.83 -1.12 1.52
N ALA A 34 20.00 -0.11 1.73
CA ALA A 34 20.22 0.86 2.80
C ALA A 34 19.98 0.23 4.18
N VAL A 35 19.10 -0.76 4.23
CA VAL A 35 18.83 -1.47 5.47
C VAL A 35 19.98 -2.40 5.82
N GLN A 36 20.49 -3.10 4.81
CA GLN A 36 21.63 -4.00 5.00
C GLN A 36 22.82 -3.21 5.53
N GLN A 37 23.02 -2.02 4.98
CA GLN A 37 24.07 -1.12 5.46
C GLN A 37 23.84 -0.72 6.92
N ALA A 38 22.57 -0.56 7.27
CA ALA A 38 22.20 -0.07 8.60
C ALA A 38 22.38 -1.11 9.69
N VAL A 39 22.22 -2.38 9.34
CA VAL A 39 22.26 -3.45 10.35
C VAL A 39 23.56 -4.25 10.37
N THR A 40 24.42 -4.05 9.38
CA THR A 40 25.74 -4.69 9.37
C THR A 40 26.85 -3.64 9.54
N ALA A 41 26.70 -2.51 8.87
CA ALA A 41 27.68 -1.43 8.97
C ALA A 41 27.27 -0.40 10.01
N ARG A 42 25.99 -0.42 10.39
CA ARG A 42 25.49 0.51 11.39
C ARG A 42 25.54 1.95 10.91
N LYS A 43 25.20 2.15 9.64
CA LYS A 43 25.05 3.48 9.07
C LYS A 43 23.57 3.81 8.96
N PRO A 44 23.12 4.83 9.71
CA PRO A 44 21.71 5.22 9.74
C PRO A 44 21.26 5.92 8.47
N SER A 45 20.08 5.56 7.97
CA SER A 45 19.46 6.28 6.88
C SER A 45 18.05 6.69 7.30
N THR A 46 17.45 7.61 6.57
CA THR A 46 16.09 8.04 6.86
C THR A 46 15.16 7.80 5.68
N LEU A 47 14.00 7.23 5.97
CA LEU A 47 12.97 7.05 4.95
C LEU A 47 11.86 8.07 5.12
N ALA A 48 11.64 8.86 4.08
CA ALA A 48 10.53 9.79 4.06
C ALA A 48 9.42 9.25 3.17
N TYR A 49 8.21 9.20 3.71
CA TYR A 49 7.04 8.73 2.98
C TYR A 49 6.13 9.92 2.74
N ILE A 50 6.06 10.39 1.49
CA ILE A 50 5.43 11.67 1.20
C ILE A 50 4.07 11.54 0.50
N HIS A 51 3.03 12.05 1.14
CA HIS A 51 1.71 12.15 0.54
C HIS A 51 1.55 13.53 -0.09
N LEU A 52 0.97 13.58 -1.28
CA LEU A 52 0.44 14.85 -1.78
C LEU A 52 -0.94 15.01 -1.17
N ASN A 53 -1.12 16.04 -0.35
CA ASN A 53 -2.38 16.27 0.32
C ASN A 53 -3.50 16.65 -0.65
N GLY A 54 -4.70 16.13 -0.41
CA GLY A 54 -5.86 16.46 -1.20
C GLY A 54 -5.76 16.07 -2.67
N TYR A 55 -5.02 14.99 -2.94
CA TYR A 55 -4.86 14.51 -4.31
C TYR A 55 -6.18 14.26 -5.02
N PRO A 56 -7.14 13.59 -4.35
CA PRO A 56 -8.43 13.31 -4.98
C PRO A 56 -9.11 14.55 -5.55
N SER A 57 -9.07 15.64 -4.78
CA SER A 57 -9.72 16.88 -5.21
C SER A 57 -8.96 17.57 -6.34
N LEU A 58 -7.63 17.42 -6.35
CA LEU A 58 -6.79 17.99 -7.40
C LEU A 58 -6.99 17.25 -8.71
N GLN A 59 -7.12 15.94 -8.63
CA GLN A 59 -7.38 15.12 -9.82
C GLN A 59 -8.77 15.42 -10.38
N ALA A 60 -9.73 15.64 -9.50
CA ALA A 60 -11.10 15.92 -9.89
C ALA A 60 -11.20 17.24 -10.66
N ASP A 61 -10.49 18.24 -10.16
CA ASP A 61 -10.55 19.59 -10.73
C ASP A 61 -9.64 19.77 -11.94
N HIS A 62 -8.52 19.06 -11.96
CA HIS A 62 -7.50 19.28 -12.97
C HIS A 62 -7.33 18.11 -13.95
N GLY A 63 -7.82 16.94 -13.58
CA GLY A 63 -7.76 15.78 -14.47
C GLY A 63 -6.34 15.28 -14.69
N LEU A 64 -6.19 14.31 -15.59
CA LEU A 64 -4.90 13.67 -15.83
C LEU A 64 -3.82 14.67 -16.24
N SER A 65 -4.16 15.54 -17.18
CA SER A 65 -3.21 16.54 -17.65
C SER A 65 -2.76 17.47 -16.53
N GLY A 66 -3.72 17.94 -15.75
CA GLY A 66 -3.42 18.86 -14.66
C GLY A 66 -2.43 18.31 -13.66
N ILE A 67 -2.68 17.08 -13.20
CA ILE A 67 -1.84 16.43 -12.19
C ILE A 67 -0.47 16.01 -12.73
N ASP A 68 -0.44 15.59 -13.99
CA ASP A 68 0.83 15.25 -14.62
C ASP A 68 1.80 16.42 -14.43
N LEU A 69 1.31 17.61 -14.72
CA LEU A 69 2.10 18.83 -14.59
C LEU A 69 2.47 19.11 -13.14
N LEU A 70 1.50 18.99 -12.24
CA LEU A 70 1.71 19.21 -10.81
C LEU A 70 2.83 18.32 -10.26
N LEU A 71 2.70 17.01 -10.52
CA LEU A 71 3.68 16.04 -10.04
C LEU A 71 5.09 16.35 -10.56
N GLY A 72 5.18 16.72 -11.83
CA GLY A 72 6.47 17.07 -12.42
C GLY A 72 7.09 18.26 -11.73
N GLN A 73 6.26 19.25 -11.39
CA GLN A 73 6.72 20.42 -10.67
C GLN A 73 7.10 20.04 -9.24
N LEU A 74 6.24 19.24 -8.61
CA LEU A 74 6.44 18.82 -7.23
C LEU A 74 7.76 18.07 -7.07
N ALA A 75 8.07 17.23 -8.05
CA ALA A 75 9.32 16.47 -8.03
C ALA A 75 10.52 17.39 -8.23
N GLY A 76 10.37 18.37 -9.12
CA GLY A 76 11.44 19.31 -9.39
C GLY A 76 11.78 20.15 -8.17
N LEU A 77 10.81 20.35 -7.30
CA LEU A 77 11.03 21.08 -6.06
C LEU A 77 11.72 20.20 -5.03
N MET A 78 11.43 18.90 -5.10
CA MET A 78 12.06 17.94 -4.20
C MET A 78 13.53 17.73 -4.57
N ARG A 79 13.79 17.64 -5.88
CA ARG A 79 15.15 17.58 -6.38
C ARG A 79 15.92 18.83 -5.95
N GLU A 80 15.25 19.96 -5.97
CA GLU A 80 15.86 21.23 -5.60
C GLU A 80 16.15 21.31 -4.10
N GLN A 81 15.20 20.85 -3.30
CA GLN A 81 15.27 21.02 -1.86
C GLN A 81 16.15 19.97 -1.19
N PHE A 82 16.27 18.81 -1.82
CA PHE A 82 17.05 17.71 -1.25
C PHE A 82 18.40 17.55 -1.94
N GLY A 83 18.48 17.97 -3.19
CA GLY A 83 19.72 17.87 -3.94
C GLY A 83 20.29 16.47 -3.94
N GLU A 84 21.54 16.35 -3.50
CA GLU A 84 22.26 15.09 -3.55
C GLU A 84 21.96 14.22 -2.32
N GLU A 85 21.34 14.83 -1.32
CA GLU A 85 21.17 14.20 -0.01
C GLU A 85 20.19 13.03 0.00
N ALA A 86 19.28 13.00 -0.97
CA ALA A 86 18.24 11.98 -0.97
C ALA A 86 18.05 11.30 -2.32
N ASP A 87 17.66 10.03 -2.26
CA ASP A 87 17.24 9.30 -3.45
C ASP A 87 15.72 9.45 -3.58
N LEU A 88 15.27 9.86 -4.75
CA LEU A 88 13.87 10.22 -4.94
C LEU A 88 13.08 9.27 -5.83
N ALA A 89 11.90 8.87 -5.38
CA ALA A 89 11.06 7.97 -6.16
C ALA A 89 9.61 8.44 -6.23
N ARG A 90 8.95 8.09 -7.33
CA ARG A 90 7.50 8.17 -7.42
C ARG A 90 6.96 6.83 -6.93
N PHE A 91 6.46 6.81 -5.70
CA PHE A 91 6.03 5.56 -5.07
C PHE A 91 4.64 5.15 -5.54
N GLY A 92 3.77 6.13 -5.75
CA GLY A 92 2.43 5.87 -6.22
C GLY A 92 1.85 7.08 -6.94
N ASP A 93 0.55 7.06 -7.19
CA ASP A 93 -0.13 8.15 -7.88
C ASP A 93 0.08 9.50 -7.20
N SER A 94 -0.09 9.51 -5.88
CA SER A 94 0.02 10.74 -5.11
C SER A 94 1.06 10.59 -4.01
N ILE A 95 1.95 9.61 -4.18
CA ILE A 95 2.90 9.28 -3.14
C ILE A 95 4.33 9.29 -3.64
N PHE A 96 5.16 10.10 -2.99
CA PHE A 96 6.59 10.13 -3.27
C PHE A 96 7.35 9.50 -2.12
N ALA A 97 8.60 9.10 -2.37
CA ALA A 97 9.43 8.52 -1.34
C ALA A 97 10.84 9.08 -1.41
N ALA A 98 11.44 9.34 -0.25
CA ALA A 98 12.79 9.86 -0.19
C ALA A 98 13.63 9.07 0.83
N LEU A 99 14.79 8.62 0.39
CA LEU A 99 15.73 7.94 1.28
C LEU A 99 16.92 8.85 1.53
N PHE A 100 17.18 9.13 2.80
CA PHE A 100 18.33 9.95 3.17
C PHE A 100 19.43 9.07 3.73
N LYS A 101 20.26 8.54 2.85
CA LYS A 101 21.32 7.63 3.25
C LYS A 101 22.38 8.33 4.11
N GLY A 102 22.67 7.75 5.27
CA GLY A 102 23.69 8.28 6.15
C GLY A 102 23.18 9.26 7.19
N LYS A 103 21.89 9.57 7.14
CA LYS A 103 21.32 10.55 8.05
C LYS A 103 20.26 9.93 8.95
N THR A 104 20.31 10.28 10.24
CA THR A 104 19.24 9.94 11.16
C THR A 104 18.05 10.81 10.78
N PRO A 105 16.83 10.41 11.22
CA PRO A 105 15.67 11.26 10.97
C PRO A 105 15.92 12.64 11.57
N GLU A 106 16.49 12.66 12.76
CA GLU A 106 16.88 13.91 13.41
C GLU A 106 17.68 14.78 12.45
N GLN A 107 18.73 14.20 11.88
CA GLN A 107 19.64 14.90 10.98
C GLN A 107 18.96 15.35 9.69
N ALA A 108 17.85 14.72 9.34
CA ALA A 108 17.19 14.98 8.06
C ALA A 108 16.01 15.94 8.17
N GLN A 109 15.55 16.19 9.40
CA GLN A 109 14.35 17.00 9.60
C GLN A 109 14.45 18.38 8.94
N ALA A 110 15.63 18.97 8.98
CA ALA A 110 15.85 20.30 8.43
C ALA A 110 15.37 20.39 6.97
N ALA A 111 15.81 19.43 6.16
CA ALA A 111 15.45 19.41 4.75
C ALA A 111 13.99 19.07 4.53
N LEU A 112 13.44 18.26 5.43
CA LEU A 112 12.03 17.90 5.36
C LEU A 112 11.16 19.10 5.70
N GLN A 113 11.63 19.91 6.65
CA GLN A 113 10.94 21.12 7.03
C GLN A 113 10.98 22.13 5.89
N ARG A 114 12.13 22.20 5.24
CA ARG A 114 12.33 23.15 4.15
C ARG A 114 11.42 22.83 2.97
N LEU A 115 11.37 21.57 2.57
CA LEU A 115 10.50 21.15 1.47
C LEU A 115 9.04 21.41 1.80
N LEU A 116 8.62 20.98 2.99
CA LEU A 116 7.24 21.14 3.44
C LEU A 116 6.72 22.55 3.17
N LYS A 117 7.53 23.55 3.52
CA LYS A 117 7.15 24.94 3.37
C LYS A 117 7.27 25.43 1.93
N LYS A 118 8.31 24.94 1.24
CA LYS A 118 8.49 25.29 -0.17
C LYS A 118 7.22 24.95 -0.95
N VAL A 119 6.67 23.77 -0.68
CA VAL A 119 5.47 23.33 -1.36
C VAL A 119 4.24 24.12 -0.90
N GLU A 120 4.07 24.23 0.42
CA GLU A 120 2.93 24.94 0.98
C GLU A 120 2.83 26.38 0.46
N ASN A 121 3.97 26.99 0.21
CA ASN A 121 4.01 28.37 -0.25
C ASN A 121 4.25 28.48 -1.76
N HIS A 122 4.05 27.38 -2.48
CA HIS A 122 4.25 27.37 -3.92
C HIS A 122 2.96 27.34 -4.71
N LEU A 123 2.85 28.25 -5.69
CA LEU A 123 1.71 28.29 -6.58
C LEU A 123 2.03 27.49 -7.84
N PHE A 124 1.17 26.53 -8.16
CA PHE A 124 1.37 25.69 -9.34
C PHE A 124 0.55 26.20 -10.52
N GLU A 125 1.18 26.31 -11.68
CA GLU A 125 0.47 26.67 -12.89
C GLU A 125 0.13 25.40 -13.65
N LEU A 126 -1.16 25.08 -13.73
CA LEU A 126 -1.61 23.86 -14.40
C LEU A 126 -2.55 24.19 -15.56
N ASN A 127 -2.05 24.09 -16.78
CA ASN A 127 -2.84 24.41 -17.95
C ASN A 127 -3.61 25.71 -17.77
N GLY A 128 -2.87 26.80 -17.61
CA GLY A 128 -3.47 28.09 -17.38
C GLY A 128 -3.94 28.23 -15.94
N ARG A 129 -4.63 27.21 -15.45
CA ARG A 129 -5.21 27.23 -14.11
C ARG A 129 -4.13 27.28 -13.03
N SER A 130 -4.54 27.70 -11.82
CA SER A 130 -3.61 27.87 -10.72
C SER A 130 -4.05 27.05 -9.51
N ALA A 131 -3.09 26.44 -8.81
CA ALA A 131 -3.40 25.61 -7.65
C ALA A 131 -2.34 25.65 -6.56
N GLN A 132 -2.72 25.16 -5.37
CA GLN A 132 -1.87 25.15 -4.19
C GLN A 132 -1.94 23.76 -3.57
N ALA A 133 -0.91 23.39 -2.81
CA ALA A 133 -0.87 22.06 -2.21
C ALA A 133 0.06 21.99 -1.01
N THR A 134 -0.27 21.09 -0.09
CA THR A 134 0.58 20.81 1.06
C THR A 134 0.92 19.33 1.05
N LEU A 135 1.95 18.95 1.80
CA LEU A 135 2.37 17.56 1.86
C LEU A 135 2.20 16.98 3.26
N SER A 136 2.04 15.66 3.32
CA SER A 136 2.04 14.94 4.59
C SER A 136 3.20 13.97 4.58
N ILE A 137 4.17 14.19 5.46
CA ILE A 137 5.40 13.41 5.45
C ILE A 137 5.53 12.49 6.64
N GLY A 138 5.60 11.19 6.36
CA GLY A 138 5.88 10.19 7.37
C GLY A 138 7.36 9.83 7.32
N VAL A 139 8.02 9.92 8.47
CA VAL A 139 9.45 9.71 8.54
C VAL A 139 9.80 8.52 9.43
N ALA A 140 10.73 7.68 8.96
CA ALA A 140 11.17 6.52 9.74
C ALA A 140 12.65 6.23 9.55
N GLY A 141 13.35 5.99 10.65
CA GLY A 141 14.79 5.77 10.59
C GLY A 141 15.22 4.36 10.26
N LEU A 142 16.40 4.25 9.65
CA LEU A 142 17.05 2.96 9.40
C LEU A 142 18.24 2.83 10.33
N ASP A 143 18.21 1.81 11.18
CA ASP A 143 19.27 1.63 12.16
C ASP A 143 19.63 0.16 12.32
N GLU A 144 20.54 -0.13 13.23
CA GLU A 144 21.01 -1.50 13.44
C GLU A 144 20.00 -2.30 14.26
N LYS A 145 19.10 -1.59 14.93
CA LYS A 145 17.98 -2.22 15.60
C LYS A 145 16.81 -2.43 14.63
N THR A 146 17.07 -2.32 13.33
CA THR A 146 16.05 -2.64 12.34
C THR A 146 15.97 -4.18 12.25
N ALA A 147 14.75 -4.70 12.11
CA ALA A 147 14.52 -6.14 12.12
C ALA A 147 14.08 -6.67 10.76
N LYS A 148 13.44 -5.81 9.99
CA LYS A 148 12.99 -6.12 8.64
C LYS A 148 12.86 -4.84 7.85
N ALA A 149 13.38 -4.84 6.63
CA ALA A 149 13.30 -3.66 5.77
C ALA A 149 11.84 -3.22 5.61
N GLN A 150 10.94 -4.19 5.67
CA GLN A 150 9.51 -3.92 5.49
C GLN A 150 8.93 -3.17 6.68
N ASP A 151 9.51 -3.38 7.86
CA ASP A 151 9.09 -2.69 9.07
C ASP A 151 9.31 -1.19 8.93
N VAL A 152 10.40 -0.83 8.26
CA VAL A 152 10.74 0.58 8.06
C VAL A 152 9.72 1.23 7.15
N MET A 153 9.46 0.59 6.01
CA MET A 153 8.43 1.06 5.08
C MET A 153 7.12 1.26 5.84
N ASN A 154 6.70 0.22 6.56
CA ASN A 154 5.45 0.27 7.31
C ASN A 154 5.33 1.50 8.20
N ARG A 155 6.34 1.72 9.04
CA ARG A 155 6.33 2.79 10.01
C ARG A 155 6.18 4.17 9.35
N ALA A 156 6.93 4.38 8.28
CA ALA A 156 6.87 5.65 7.55
C ALA A 156 5.54 5.78 6.82
N HIS A 157 5.02 4.63 6.38
CA HIS A 157 3.71 4.57 5.75
C HIS A 157 2.65 5.03 6.76
N ARG A 158 2.52 4.26 7.82
CA ARG A 158 1.55 4.51 8.89
C ARG A 158 1.61 5.95 9.40
N CYS A 159 2.83 6.46 9.56
CA CYS A 159 3.03 7.83 10.03
C CYS A 159 2.49 8.83 9.02
N ALA A 160 2.75 8.59 7.74
CA ALA A 160 2.29 9.49 6.70
C ALA A 160 0.77 9.49 6.60
N ASP A 161 0.18 8.31 6.78
CA ASP A 161 -1.28 8.21 6.73
C ASP A 161 -1.92 8.95 7.90
N ASP A 162 -1.27 8.88 9.05
CA ASP A 162 -1.73 9.61 10.22
C ASP A 162 -1.52 11.11 10.00
N ALA A 163 -0.47 11.44 9.26
CA ALA A 163 -0.16 12.83 8.95
C ALA A 163 -1.25 13.45 8.08
N ALA A 164 -1.61 12.75 7.01
CA ALA A 164 -2.59 13.26 6.05
C ALA A 164 -3.99 13.27 6.64
N ARG A 165 -4.18 12.52 7.72
CA ARG A 165 -5.46 12.44 8.39
C ARG A 165 -5.77 13.74 9.11
N LYS A 166 -4.76 14.58 9.26
CA LYS A 166 -4.88 15.81 10.04
C LYS A 166 -5.20 17.02 9.17
N GLY A 167 -4.72 16.99 7.94
CA GLY A 167 -4.95 18.09 7.00
C GLY A 167 -3.86 19.15 7.07
N GLY A 168 -3.44 19.62 5.91
CA GLY A 168 -2.41 20.65 5.83
C GLY A 168 -1.02 20.06 5.80
N SER A 169 -0.01 20.93 5.72
CA SER A 169 1.38 20.48 5.74
C SER A 169 1.69 19.78 7.06
N GLN A 170 2.10 18.52 6.99
CA GLN A 170 2.32 17.73 8.19
C GLN A 170 3.53 16.81 8.10
N ILE A 171 4.31 16.77 9.17
CA ILE A 171 5.39 15.79 9.30
C ILE A 171 5.20 14.99 10.58
N LYS A 172 5.20 13.68 10.45
CA LYS A 172 5.03 12.81 11.61
C LYS A 172 6.19 11.83 11.71
N GLN A 173 7.03 12.02 12.71
CA GLN A 173 8.17 11.13 12.88
C GLN A 173 7.84 9.87 13.69
N VAL B 12 -8.19 12.78 0.51
CA VAL B 12 -7.21 11.77 0.92
C VAL B 12 -7.38 10.50 0.10
N SER B 13 -6.27 9.97 -0.40
CA SER B 13 -6.29 8.80 -1.26
C SER B 13 -6.52 7.51 -0.46
N SER B 14 -7.35 6.63 -1.00
CA SER B 14 -7.69 5.39 -0.31
C SER B 14 -7.13 4.16 -1.03
N GLN B 15 -6.01 4.34 -1.72
CA GLN B 15 -5.46 3.25 -2.52
C GLN B 15 -4.12 2.74 -2.02
N ASP B 16 -3.88 1.44 -2.23
CA ASP B 16 -2.58 0.85 -2.01
C ASP B 16 -1.75 0.98 -3.27
N PRO B 17 -0.70 1.80 -3.23
CA PRO B 17 0.17 2.04 -4.39
C PRO B 17 0.77 0.75 -4.93
N VAL B 18 1.06 -0.20 -4.05
CA VAL B 18 1.73 -1.43 -4.42
C VAL B 18 0.85 -2.37 -5.26
N THR B 19 -0.35 -2.65 -4.78
CA THR B 19 -1.24 -3.59 -5.45
C THR B 19 -2.24 -2.88 -6.37
N GLY B 20 -2.52 -1.61 -6.07
CA GLY B 20 -3.53 -0.87 -6.80
C GLY B 20 -4.87 -1.02 -6.13
N LEU B 21 -4.94 -1.95 -5.17
CA LEU B 21 -6.17 -2.22 -4.45
C LEU B 21 -6.49 -1.14 -3.44
N TYR B 22 -7.71 -1.17 -2.91
CA TYR B 22 -8.09 -0.25 -1.84
C TYR B 22 -7.22 -0.52 -0.62
N ASN B 23 -7.18 0.44 0.30
CA ASN B 23 -6.43 0.24 1.53
C ASN B 23 -7.32 -0.25 2.67
N ARG B 24 -6.70 -0.63 3.77
CA ARG B 24 -7.43 -1.16 4.92
C ARG B 24 -8.51 -0.19 5.39
N SER B 25 -8.15 1.08 5.55
CA SER B 25 -9.09 2.10 5.99
C SER B 25 -10.34 2.11 5.13
N HIS B 26 -10.16 2.27 3.82
CA HIS B 26 -11.28 2.31 2.89
C HIS B 26 -12.10 1.03 2.94
N PHE B 27 -11.43 -0.10 3.09
CA PHE B 27 -12.11 -1.40 3.15
C PHE B 27 -12.99 -1.50 4.39
N LEU B 28 -12.47 -1.05 5.53
CA LEU B 28 -13.23 -1.07 6.77
C LEU B 28 -14.42 -0.13 6.70
N ASP B 29 -14.35 0.85 5.82
CA ASP B 29 -15.47 1.74 5.56
C ASP B 29 -16.59 0.98 4.84
N LEU B 30 -16.20 0.16 3.86
CA LEU B 30 -17.16 -0.63 3.10
C LEU B 30 -17.78 -1.70 3.99
N MET B 31 -16.96 -2.27 4.87
CA MET B 31 -17.45 -3.28 5.82
C MET B 31 -18.54 -2.71 6.69
N ASP B 32 -18.26 -1.58 7.34
CA ASP B 32 -19.26 -0.88 8.13
C ASP B 32 -20.56 -0.75 7.35
N ALA B 33 -20.46 -0.21 6.14
CA ALA B 33 -21.62 0.00 5.28
C ALA B 33 -22.35 -1.31 5.00
N ALA B 34 -21.58 -2.38 4.80
CA ALA B 34 -22.15 -3.68 4.50
C ALA B 34 -22.89 -4.25 5.70
N VAL B 35 -22.37 -3.97 6.89
CA VAL B 35 -23.01 -4.41 8.12
C VAL B 35 -24.34 -3.68 8.29
N GLN B 36 -24.32 -2.38 8.04
CA GLN B 36 -25.51 -1.55 8.18
C GLN B 36 -26.60 -2.03 7.24
N GLN B 37 -26.22 -2.46 6.04
CA GLN B 37 -27.19 -2.98 5.07
C GLN B 37 -27.66 -4.38 5.44
N ALA B 38 -26.80 -5.13 6.13
CA ALA B 38 -27.15 -6.48 6.54
C ALA B 38 -28.19 -6.44 7.66
N VAL B 39 -28.04 -5.50 8.57
CA VAL B 39 -28.89 -5.43 9.75
C VAL B 39 -30.23 -4.74 9.49
N THR B 40 -30.25 -3.87 8.48
CA THR B 40 -31.48 -3.13 8.17
C THR B 40 -32.18 -3.64 6.91
N ALA B 41 -31.41 -3.92 5.87
CA ALA B 41 -31.97 -4.34 4.60
C ALA B 41 -32.03 -5.86 4.46
N ARG B 42 -31.53 -6.55 5.48
CA ARG B 42 -31.44 -8.02 5.48
C ARG B 42 -30.66 -8.48 4.24
N LYS B 43 -29.65 -7.69 3.91
CA LYS B 43 -28.83 -7.92 2.74
C LYS B 43 -27.53 -8.60 3.18
N PRO B 44 -27.35 -9.86 2.78
CA PRO B 44 -26.18 -10.64 3.19
C PRO B 44 -24.92 -10.19 2.45
N SER B 45 -23.76 -10.43 3.06
CA SER B 45 -22.48 -10.21 2.39
C SER B 45 -21.48 -11.24 2.91
N THR B 46 -20.40 -11.44 2.16
CA THR B 46 -19.39 -12.40 2.54
C THR B 46 -18.01 -11.76 2.64
N LEU B 47 -17.35 -11.95 3.78
CA LEU B 47 -16.02 -11.42 3.98
C LEU B 47 -14.97 -12.52 3.81
N ALA B 48 -13.99 -12.26 2.97
CA ALA B 48 -12.89 -13.19 2.76
C ALA B 48 -11.59 -12.60 3.32
N TYR B 49 -10.93 -13.35 4.18
CA TYR B 49 -9.71 -12.89 4.84
C TYR B 49 -8.52 -13.70 4.34
N ILE B 50 -7.72 -13.09 3.48
CA ILE B 50 -6.77 -13.82 2.64
C ILE B 50 -5.31 -13.72 3.07
N HIS B 51 -4.71 -14.87 3.36
CA HIS B 51 -3.30 -14.95 3.74
C HIS B 51 -2.41 -15.38 2.57
N LEU B 52 -1.39 -14.59 2.28
CA LEU B 52 -0.33 -15.05 1.40
C LEU B 52 0.55 -16.00 2.20
N ASN B 53 0.57 -17.28 1.81
CA ASN B 53 1.31 -18.28 2.54
C ASN B 53 2.82 -18.12 2.41
N GLY B 54 3.54 -18.44 3.48
CA GLY B 54 4.99 -18.38 3.46
C GLY B 54 5.53 -17.03 3.01
N TYR B 55 4.89 -15.97 3.49
CA TYR B 55 5.32 -14.60 3.18
C TYR B 55 6.73 -14.29 3.68
N PRO B 56 7.04 -14.68 4.93
CA PRO B 56 8.40 -14.44 5.44
C PRO B 56 9.45 -15.00 4.50
N SER B 57 9.26 -16.26 4.12
CA SER B 57 10.23 -16.98 3.30
C SER B 57 10.42 -16.35 1.93
N LEU B 58 9.31 -15.98 1.27
CA LEU B 58 9.36 -15.34 -0.04
C LEU B 58 10.13 -14.03 -0.02
N GLN B 59 9.94 -13.24 1.03
CA GLN B 59 10.60 -11.95 1.18
C GLN B 59 12.12 -12.08 1.36
N ALA B 60 12.53 -13.11 2.08
CA ALA B 60 13.95 -13.39 2.31
C ALA B 60 14.64 -13.80 1.01
N ASP B 61 13.97 -14.63 0.22
CA ASP B 61 14.56 -15.14 -1.02
C ASP B 61 14.39 -14.18 -2.19
N HIS B 62 13.52 -13.18 -2.03
CA HIS B 62 13.15 -12.31 -3.15
C HIS B 62 13.27 -10.81 -2.88
N GLY B 63 13.43 -10.41 -1.63
CA GLY B 63 13.64 -9.01 -1.29
C GLY B 63 12.43 -8.10 -1.45
N LEU B 64 12.57 -6.85 -0.99
CA LEU B 64 11.50 -5.86 -1.08
C LEU B 64 10.94 -5.70 -2.49
N SER B 65 11.83 -5.65 -3.47
CA SER B 65 11.43 -5.43 -4.85
C SER B 65 10.61 -6.59 -5.40
N GLY B 66 11.14 -7.80 -5.26
CA GLY B 66 10.49 -8.98 -5.78
C GLY B 66 9.14 -9.25 -5.15
N ILE B 67 9.02 -8.94 -3.86
CA ILE B 67 7.77 -9.12 -3.14
C ILE B 67 6.73 -8.10 -3.59
N ASP B 68 7.20 -6.93 -4.02
CA ASP B 68 6.32 -5.90 -4.57
C ASP B 68 5.63 -6.42 -5.82
N LEU B 69 6.42 -6.99 -6.72
CA LEU B 69 5.91 -7.56 -7.96
C LEU B 69 4.93 -8.70 -7.68
N LEU B 70 5.34 -9.60 -6.78
CA LEU B 70 4.48 -10.72 -6.40
C LEU B 70 3.11 -10.23 -5.98
N LEU B 71 3.08 -9.20 -5.15
CA LEU B 71 1.84 -8.67 -4.60
C LEU B 71 0.97 -8.01 -5.67
N GLY B 72 1.61 -7.32 -6.60
CA GLY B 72 0.91 -6.69 -7.70
C GLY B 72 0.30 -7.72 -8.63
N GLN B 73 1.08 -8.73 -8.98
CA GLN B 73 0.60 -9.82 -9.81
C GLN B 73 -0.51 -10.58 -9.10
N LEU B 74 -0.31 -10.82 -7.81
CA LEU B 74 -1.31 -11.51 -7.00
C LEU B 74 -2.64 -10.76 -7.03
N ALA B 75 -2.58 -9.46 -6.83
CA ALA B 75 -3.78 -8.61 -6.81
C ALA B 75 -4.52 -8.64 -8.15
N GLY B 76 -3.77 -8.83 -9.23
CA GLY B 76 -4.32 -8.83 -10.57
C GLY B 76 -5.11 -10.08 -10.88
N LEU B 77 -4.65 -11.21 -10.34
CA LEU B 77 -5.38 -12.46 -10.47
C LEU B 77 -6.69 -12.32 -9.70
N MET B 78 -6.62 -11.72 -8.52
CA MET B 78 -7.80 -11.52 -7.69
C MET B 78 -8.84 -10.67 -8.40
N ARG B 79 -8.42 -9.53 -8.94
CA ARG B 79 -9.34 -8.61 -9.61
C ARG B 79 -10.04 -9.28 -10.79
N GLU B 80 -9.27 -10.02 -11.59
CA GLU B 80 -9.82 -10.64 -12.79
C GLU B 80 -10.59 -11.93 -12.46
N GLN B 81 -10.30 -12.49 -11.29
CA GLN B 81 -11.01 -13.69 -10.86
C GLN B 81 -12.37 -13.31 -10.29
N PHE B 82 -12.42 -12.19 -9.58
CA PHE B 82 -13.64 -11.74 -8.91
C PHE B 82 -14.48 -10.74 -9.70
N GLY B 83 -13.84 -9.92 -10.54
CA GLY B 83 -14.55 -8.91 -11.29
C GLY B 83 -15.26 -7.91 -10.40
N GLU B 84 -16.45 -7.48 -10.81
CA GLU B 84 -17.21 -6.49 -10.05
C GLU B 84 -17.94 -7.11 -8.87
N GLU B 85 -17.75 -8.41 -8.67
CA GLU B 85 -18.40 -9.11 -7.58
C GLU B 85 -17.89 -8.59 -6.23
N ALA B 86 -16.58 -8.69 -6.04
CA ALA B 86 -15.99 -8.36 -4.75
C ALA B 86 -15.23 -7.04 -4.76
N ASP B 87 -15.27 -6.35 -3.62
CA ASP B 87 -14.38 -5.24 -3.37
C ASP B 87 -13.09 -5.84 -2.84
N LEU B 88 -11.95 -5.39 -3.34
CA LEU B 88 -10.66 -5.95 -2.93
C LEU B 88 -9.81 -4.92 -2.21
N ALA B 89 -9.03 -5.38 -1.23
CA ALA B 89 -8.19 -4.47 -0.46
C ALA B 89 -6.91 -5.12 0.02
N ARG B 90 -5.85 -4.33 0.08
CA ARG B 90 -4.63 -4.71 0.75
C ARG B 90 -4.86 -4.43 2.23
N PHE B 91 -4.99 -5.48 3.01
CA PHE B 91 -5.36 -5.35 4.41
C PHE B 91 -4.13 -5.18 5.28
N GLY B 92 -3.05 -5.87 4.92
CA GLY B 92 -1.79 -5.79 5.63
C GLY B 92 -0.62 -6.13 4.72
N ASP B 93 0.55 -6.40 5.28
CA ASP B 93 1.72 -6.72 4.48
C ASP B 93 1.48 -7.94 3.59
N SER B 94 0.98 -9.00 4.20
CA SER B 94 0.74 -10.25 3.49
C SER B 94 -0.74 -10.63 3.48
N ILE B 95 -1.56 -9.68 3.89
CA ILE B 95 -2.99 -9.90 3.88
C ILE B 95 -3.74 -9.12 2.79
N PHE B 96 -4.67 -9.81 2.13
CA PHE B 96 -5.68 -9.16 1.32
C PHE B 96 -7.03 -9.44 1.95
N ALA B 97 -8.02 -8.64 1.57
CA ALA B 97 -9.38 -8.84 2.01
C ALA B 97 -10.35 -8.60 0.84
N ALA B 98 -11.39 -9.43 0.79
CA ALA B 98 -12.42 -9.29 -0.23
C ALA B 98 -13.81 -9.25 0.42
N LEU B 99 -14.62 -8.29 -0.01
CA LEU B 99 -16.00 -8.22 0.46
C LEU B 99 -16.95 -8.55 -0.69
N PHE B 100 -17.76 -9.59 -0.50
CA PHE B 100 -18.76 -9.95 -1.50
C PHE B 100 -20.13 -9.49 -1.06
N LYS B 101 -20.60 -8.39 -1.65
CA LYS B 101 -21.86 -7.78 -1.26
C LYS B 101 -23.04 -8.49 -1.92
N GLY B 102 -24.03 -8.86 -1.11
CA GLY B 102 -25.22 -9.51 -1.63
C GLY B 102 -25.09 -11.03 -1.71
N LYS B 103 -23.91 -11.53 -1.37
CA LYS B 103 -23.64 -12.96 -1.41
C LYS B 103 -23.50 -13.56 -0.02
N THR B 104 -24.18 -14.67 0.22
CA THR B 104 -23.95 -15.46 1.41
C THR B 104 -22.66 -16.25 1.19
N PRO B 105 -21.99 -16.65 2.27
CA PRO B 105 -20.76 -17.45 2.15
C PRO B 105 -20.91 -18.62 1.17
N GLU B 106 -22.06 -19.27 1.17
CA GLU B 106 -22.31 -20.33 0.19
C GLU B 106 -22.25 -19.79 -1.23
N GLN B 107 -22.74 -18.57 -1.41
CA GLN B 107 -22.75 -17.92 -2.72
C GLN B 107 -21.38 -17.46 -3.19
N ALA B 108 -20.43 -17.39 -2.26
CA ALA B 108 -19.11 -16.86 -2.57
C ALA B 108 -18.04 -17.96 -2.65
N GLN B 109 -18.28 -19.06 -1.96
CA GLN B 109 -17.28 -20.13 -1.85
C GLN B 109 -16.70 -20.58 -3.19
N ALA B 110 -17.55 -20.84 -4.17
CA ALA B 110 -17.09 -21.27 -5.48
C ALA B 110 -16.01 -20.35 -6.05
N ALA B 111 -16.33 -19.07 -6.16
CA ALA B 111 -15.39 -18.09 -6.69
C ALA B 111 -14.08 -18.10 -5.91
N LEU B 112 -14.20 -18.25 -4.58
CA LEU B 112 -13.04 -18.32 -3.71
C LEU B 112 -12.17 -19.55 -4.03
N GLN B 113 -12.81 -20.67 -4.32
CA GLN B 113 -12.07 -21.88 -4.66
C GLN B 113 -11.30 -21.68 -5.96
N ARG B 114 -11.96 -21.02 -6.91
CA ARG B 114 -11.38 -20.76 -8.23
C ARG B 114 -10.10 -19.94 -8.10
N LEU B 115 -10.14 -18.89 -7.28
CA LEU B 115 -8.97 -18.05 -7.06
C LEU B 115 -7.85 -18.86 -6.42
N LEU B 116 -8.22 -19.72 -5.47
CA LEU B 116 -7.24 -20.54 -4.76
C LEU B 116 -6.47 -21.40 -5.75
N LYS B 117 -7.20 -22.11 -6.60
CA LYS B 117 -6.58 -22.94 -7.64
C LYS B 117 -5.80 -22.06 -8.60
N LYS B 118 -6.39 -20.93 -8.97
CA LYS B 118 -5.77 -19.99 -9.90
C LYS B 118 -4.36 -19.63 -9.44
N VAL B 119 -4.25 -19.12 -8.22
CA VAL B 119 -2.95 -18.75 -7.67
C VAL B 119 -2.02 -19.96 -7.57
N GLU B 120 -2.56 -21.07 -7.07
CA GLU B 120 -1.78 -22.30 -6.90
C GLU B 120 -1.06 -22.71 -8.17
N ASN B 121 -1.74 -22.58 -9.31
CA ASN B 121 -1.20 -23.01 -10.60
C ASN B 121 -0.42 -21.94 -11.34
N HIS B 122 -0.49 -20.72 -10.85
CA HIS B 122 0.16 -19.59 -11.53
C HIS B 122 1.66 -19.54 -11.25
N LEU B 123 2.43 -19.15 -12.26
CA LEU B 123 3.86 -18.94 -12.10
C LEU B 123 4.20 -17.46 -12.13
N PHE B 124 4.61 -16.93 -10.98
CA PHE B 124 4.94 -15.52 -10.88
C PHE B 124 6.36 -15.27 -11.39
N GLU B 125 6.54 -14.13 -12.06
CA GLU B 125 7.84 -13.73 -12.55
C GLU B 125 8.35 -12.60 -11.67
N LEU B 126 9.42 -12.87 -10.92
CA LEU B 126 9.97 -11.87 -10.01
C LEU B 126 11.43 -11.57 -10.35
N ASN B 127 11.66 -10.50 -11.10
CA ASN B 127 13.02 -10.08 -11.42
C ASN B 127 13.84 -11.15 -12.14
N GLY B 128 13.35 -11.63 -13.28
CA GLY B 128 14.05 -12.65 -14.04
C GLY B 128 14.03 -13.99 -13.33
N ARG B 129 13.08 -14.14 -12.41
CA ARG B 129 13.02 -15.34 -11.58
C ARG B 129 11.58 -15.80 -11.44
N SER B 130 11.37 -17.11 -11.42
CA SER B 130 10.02 -17.66 -11.28
C SER B 130 9.72 -17.99 -9.82
N ALA B 131 8.45 -17.90 -9.44
CA ALA B 131 8.04 -18.19 -8.08
C ALA B 131 6.63 -18.79 -8.05
N GLN B 132 6.35 -19.57 -7.00
CA GLN B 132 5.01 -20.10 -6.81
C GLN B 132 4.53 -19.79 -5.41
N ALA B 133 3.25 -19.48 -5.27
CA ALA B 133 2.68 -19.18 -3.97
C ALA B 133 1.31 -19.85 -3.82
N THR B 134 0.82 -19.88 -2.58
CA THR B 134 -0.54 -20.34 -2.32
C THR B 134 -1.13 -19.44 -1.25
N LEU B 135 -2.45 -19.47 -1.12
CA LEU B 135 -3.15 -18.60 -0.19
C LEU B 135 -3.88 -19.41 0.87
N SER B 136 -4.13 -18.78 2.02
CA SER B 136 -5.02 -19.34 3.03
C SER B 136 -6.13 -18.35 3.29
N ILE B 137 -7.37 -18.79 3.10
CA ILE B 137 -8.51 -17.88 3.17
C ILE B 137 -9.52 -18.25 4.25
N GLY B 138 -9.81 -17.29 5.12
CA GLY B 138 -10.86 -17.46 6.11
C GLY B 138 -12.12 -16.79 5.61
N VAL B 139 -13.26 -17.44 5.78
CA VAL B 139 -14.52 -16.92 5.26
C VAL B 139 -15.54 -16.69 6.37
N ALA B 140 -16.06 -15.46 6.45
CA ALA B 140 -17.06 -15.12 7.45
C ALA B 140 -18.24 -14.38 6.83
N GLY B 141 -19.45 -14.84 7.13
CA GLY B 141 -20.66 -14.29 6.53
C GLY B 141 -21.29 -13.12 7.26
N LEU B 142 -21.97 -12.26 6.51
CA LEU B 142 -22.68 -11.11 7.08
C LEU B 142 -24.18 -11.25 6.87
N ASP B 143 -24.94 -10.89 7.90
CA ASP B 143 -26.38 -10.98 7.82
C ASP B 143 -27.07 -10.17 8.93
N GLU B 144 -28.39 -10.27 8.95
CA GLU B 144 -29.23 -9.54 9.90
C GLU B 144 -28.97 -10.02 11.33
N LYS B 145 -28.72 -11.31 11.48
CA LYS B 145 -28.41 -11.90 12.79
C LYS B 145 -27.01 -11.52 13.28
N THR B 146 -26.33 -10.67 12.53
CA THR B 146 -25.02 -10.16 12.95
C THR B 146 -25.16 -9.34 14.21
N ALA B 147 -24.35 -9.66 15.22
CA ALA B 147 -24.39 -8.94 16.49
C ALA B 147 -23.48 -7.73 16.45
N LYS B 148 -22.21 -7.99 16.14
CA LYS B 148 -21.21 -6.95 16.02
C LYS B 148 -20.40 -7.15 14.75
N ALA B 149 -20.12 -6.05 14.06
CA ALA B 149 -19.32 -6.09 12.84
C ALA B 149 -17.94 -6.69 13.10
N GLN B 150 -17.39 -6.40 14.28
CA GLN B 150 -16.08 -6.89 14.66
C GLN B 150 -16.05 -8.41 14.73
N ASP B 151 -17.19 -9.00 15.11
CA ASP B 151 -17.33 -10.45 15.14
C ASP B 151 -17.08 -11.03 13.75
N VAL B 152 -17.59 -10.35 12.73
CA VAL B 152 -17.41 -10.78 11.36
C VAL B 152 -15.93 -10.75 10.96
N MET B 153 -15.24 -9.69 11.39
CA MET B 153 -13.81 -9.58 11.14
C MET B 153 -13.04 -10.60 11.95
N ASN B 154 -13.52 -10.88 13.16
CA ASN B 154 -12.87 -11.86 14.03
C ASN B 154 -12.96 -13.28 13.49
N ARG B 155 -14.08 -13.58 12.83
CA ARG B 155 -14.35 -14.93 12.34
C ARG B 155 -13.53 -15.28 11.10
N ALA B 156 -13.59 -14.41 10.09
CA ALA B 156 -12.79 -14.60 8.88
C ALA B 156 -11.32 -14.68 9.26
N HIS B 157 -10.87 -13.74 10.08
CA HIS B 157 -9.50 -13.70 10.55
C HIS B 157 -9.12 -15.02 11.19
N ARG B 158 -9.87 -15.41 12.22
CA ARG B 158 -9.58 -16.62 12.97
C ARG B 158 -9.53 -17.85 12.07
N CYS B 159 -10.39 -17.89 11.05
CA CYS B 159 -10.43 -19.03 10.13
C CYS B 159 -9.25 -19.03 9.17
N ALA B 160 -8.76 -17.84 8.84
CA ALA B 160 -7.62 -17.71 7.94
C ALA B 160 -6.34 -18.16 8.62
N ASP B 161 -6.32 -18.03 9.94
CA ASP B 161 -5.16 -18.45 10.72
C ASP B 161 -5.15 -19.97 10.88
N ASP B 162 -6.34 -20.56 10.97
CA ASP B 162 -6.46 -22.00 11.02
C ASP B 162 -6.04 -22.59 9.69
N ALA B 163 -6.51 -21.96 8.62
CA ALA B 163 -6.15 -22.37 7.26
C ALA B 163 -4.65 -22.28 7.06
N ALA B 164 -4.06 -21.17 7.48
CA ALA B 164 -2.64 -20.93 7.29
C ALA B 164 -1.76 -21.85 8.13
N ARG B 165 -2.38 -22.59 9.06
CA ARG B 165 -1.67 -23.55 9.87
C ARG B 165 -1.54 -24.90 9.16
N LYS B 166 -2.48 -25.17 8.27
CA LYS B 166 -2.55 -26.47 7.60
C LYS B 166 -1.53 -26.62 6.47
N GLY B 167 -1.13 -25.49 5.88
CA GLY B 167 -0.10 -25.50 4.85
C GLY B 167 -0.65 -25.75 3.46
N GLY B 168 -0.13 -25.00 2.49
CA GLY B 168 -0.60 -25.09 1.12
C GLY B 168 -1.90 -24.35 0.93
N SER B 169 -2.45 -24.40 -0.27
CA SER B 169 -3.74 -23.78 -0.55
C SER B 169 -4.77 -24.24 0.48
N GLN B 170 -5.42 -23.28 1.12
CA GLN B 170 -6.42 -23.61 2.13
C GLN B 170 -7.52 -22.56 2.18
N ILE B 171 -8.74 -23.02 2.45
CA ILE B 171 -9.86 -22.14 2.72
C ILE B 171 -10.66 -22.72 3.89
N LYS B 172 -11.00 -21.87 4.85
CA LYS B 172 -11.84 -22.32 5.96
C LYS B 172 -13.01 -21.36 6.17
N GLN B 173 -14.22 -21.92 6.23
CA GLN B 173 -15.41 -21.12 6.45
C GLN B 173 -15.90 -21.27 7.88
#